data_3BCF
#
_entry.id   3BCF
#
_cell.length_a   226.620
_cell.length_b   77.820
_cell.length_c   50.330
_cell.angle_alpha   90.00
_cell.angle_beta   99.38
_cell.angle_gamma   90.00
#
_symmetry.space_group_name_H-M   'C 1 2 1'
#
loop_
_entity.id
_entity.type
_entity.pdbx_description
1 polymer 'Alpha amylase, catalytic region'
2 non-polymer 'CALCIUM ION'
3 non-polymer 'SODIUM ION'
4 water water
#
_entity_poly.entity_id   1
_entity_poly.type   'polypeptide(L)'
_entity_poly.pdbx_seq_one_letter_code
;GCSNISEDVNNPNRSLFLIESEPSTGASVSKNLTEIILIFSNDINKVSQLALTDLITDSDIQGIDYNIEGNKVIINNFSL
EPTCNYRLSYEVIDIYDNHLQGYIEFLVNQSNYPQIPDQEVNHTILQAFYWEMNTGEYATEHPEEANLWNLLAERAPELA
EAGFTAVWLPPANKGMAGIHDVGYGTYDLWDLGEFDQKGTVRTKYGTKGELENAIDALHNNDIKVYFDAVLNHRMGADYA
ETVLLDENSRDKPGQYIKAWTGFNFPGRNGEYSNFTWNGQCFDGTDWDDYSKESGKYLFDEKSWDWTYNWDEDYLMGADV
DYENEAVQNDVIDWGQWIINNIDFDGFRLDAVKHIDYRFIDKWMSAVQNSSNRDVFFVGEAWVEDVDDLKGFLDTVGNPD
LRVFDFPLRSFFVDMLNGAYMADLRNAGLVNSPGYENRAVTFVDNHDTDRDEGSYTVSIYSRKYQAYAYILTRAEGVPTV
YWKDYYIWEMKEGLDKLLTARRYYAYGPGYEVDNNDADIYSYVRSGFPDVAGDGLVLMISDGTSGNVAGKWINSRQPDTE
FYDLTGHIKEHVTTDSEGYGNFKVIKSEDKGWSIWVPVE
;
_entity_poly.pdbx_strand_id   A
#
loop_
_chem_comp.id
_chem_comp.type
_chem_comp.name
_chem_comp.formula
CA non-polymer 'CALCIUM ION' 'Ca 2'
NA non-polymer 'SODIUM ION' 'Na 1'
#
# COMPACT_ATOMS: atom_id res chain seq x y z
N SER A 15 17.36 30.91 23.00
CA SER A 15 18.12 29.68 23.32
C SER A 15 18.47 28.92 22.05
N LEU A 16 19.71 28.47 21.98
CA LEU A 16 20.31 27.87 20.78
C LEU A 16 19.88 26.41 20.58
N PHE A 17 19.38 26.09 19.40
CA PHE A 17 19.14 24.69 19.02
C PHE A 17 19.19 24.53 17.53
N LEU A 18 19.34 23.30 17.06
CA LEU A 18 19.25 23.03 15.62
C LEU A 18 17.77 22.94 15.17
N ILE A 19 17.32 23.86 14.32
CA ILE A 19 15.94 23.82 13.84
C ILE A 19 15.80 22.70 12.81
N GLU A 20 16.75 22.64 11.89
CA GLU A 20 16.75 21.61 10.87
C GLU A 20 18.15 21.44 10.31
N SER A 21 18.39 20.33 9.63
CA SER A 21 19.60 20.18 8.84
C SER A 21 19.25 19.63 7.45
N GLU A 22 20.08 19.94 6.46
CA GLU A 22 19.99 19.30 5.12
C GLU A 22 21.35 18.71 4.79
N PRO A 23 21.47 17.38 4.75
CA PRO A 23 20.46 16.36 4.83
C PRO A 23 19.98 16.23 6.26
N SER A 24 18.84 15.61 6.45
CA SER A 24 18.25 15.51 7.77
C SER A 24 18.90 14.40 8.51
N THR A 25 18.95 14.46 9.85
CA THR A 25 19.56 13.36 10.56
C THR A 25 18.76 12.09 10.30
N GLY A 26 19.49 10.97 10.09
CA GLY A 26 18.92 9.68 9.79
C GLY A 26 18.81 9.40 8.29
N ALA A 27 19.05 10.41 7.45
CA ALA A 27 18.76 10.30 6.00
C ALA A 27 19.72 9.34 5.29
N SER A 28 19.28 8.77 4.18
CA SER A 28 20.17 8.12 3.23
C SER A 28 20.39 9.08 2.04
N VAL A 29 21.64 9.39 1.71
CA VAL A 29 21.97 10.43 0.78
C VAL A 29 22.74 9.96 -0.42
N SER A 30 22.76 10.79 -1.44
CA SER A 30 23.48 10.49 -2.66
C SER A 30 24.94 10.69 -2.38
N LYS A 31 25.80 9.88 -3.01
CA LYS A 31 27.25 10.08 -2.87
C LYS A 31 27.68 11.43 -3.46
N ASN A 32 26.80 12.06 -4.23
CA ASN A 32 27.08 13.38 -4.83
C ASN A 32 26.57 14.55 -3.99
N LEU A 33 26.24 14.28 -2.74
CA LEU A 33 25.92 15.33 -1.80
C LEU A 33 27.14 16.23 -1.74
N THR A 34 26.97 17.51 -2.05
CA THR A 34 28.11 18.44 -1.97
C THR A 34 28.25 19.32 -0.71
N GLU A 35 27.19 19.45 0.10
CA GLU A 35 27.25 20.26 1.28
C GLU A 35 26.25 19.79 2.32
N ILE A 36 26.51 20.17 3.56
CA ILE A 36 25.64 19.92 4.67
C ILE A 36 25.28 21.33 5.15
N ILE A 37 24.01 21.66 5.24
CA ILE A 37 23.55 22.92 5.83
C ILE A 37 22.98 22.61 7.22
N LEU A 38 23.40 23.36 8.23
CA LEU A 38 22.85 23.29 9.59
C LEU A 38 22.17 24.62 9.89
N ILE A 39 20.86 24.58 10.18
CA ILE A 39 20.07 25.80 10.48
C ILE A 39 19.78 25.95 11.97
N PHE A 40 20.30 26.99 12.61
CA PHE A 40 20.17 27.20 14.07
C PHE A 40 19.13 28.24 14.47
N SER A 41 18.72 28.17 15.72
CA SER A 41 17.76 29.10 16.30
C SER A 41 18.27 30.56 16.33
N ASN A 42 19.53 30.78 16.70
CA ASN A 42 20.10 32.15 16.77
C ASN A 42 21.16 32.40 15.70
N ASP A 43 21.58 33.65 15.55
CA ASP A 43 22.71 33.94 14.65
C ASP A 43 23.97 33.33 15.27
N ILE A 44 24.89 32.85 14.46
CA ILE A 44 26.03 32.13 14.98
C ILE A 44 27.32 32.94 14.89
N ASN A 45 28.01 33.07 16.02
CA ASN A 45 29.26 33.78 16.10
C ASN A 45 30.48 32.91 15.72
N LYS A 46 30.45 31.62 16.03
CA LYS A 46 31.66 30.81 15.92
C LYS A 46 31.37 29.33 15.79
N VAL A 47 32.27 28.61 15.13
CA VAL A 47 32.26 27.15 15.05
C VAL A 47 33.55 26.71 15.68
N SER A 48 33.48 26.24 16.91
CA SER A 48 34.70 25.92 17.65
C SER A 48 35.29 24.58 17.20
N GLN A 49 34.41 23.56 17.11
CA GLN A 49 34.81 22.26 16.60
C GLN A 49 33.79 21.80 15.56
N LEU A 50 34.31 21.12 14.55
CA LEU A 50 33.56 20.54 13.46
C LEU A 50 34.37 19.33 13.05
N ALA A 51 33.71 18.19 12.92
CA ALA A 51 34.34 17.02 12.32
C ALA A 51 33.29 16.24 11.57
N LEU A 52 33.70 15.69 10.43
CA LEU A 52 32.87 14.78 9.66
C LEU A 52 33.58 13.44 9.72
N THR A 53 32.96 12.47 10.36
CA THR A 53 33.57 11.19 10.64
C THR A 53 32.89 9.99 9.92
N ASP A 54 33.70 9.14 9.31
CA ASP A 54 33.32 7.86 8.79
C ASP A 54 33.24 6.91 9.96
N LEU A 55 32.07 6.39 10.27
CA LEU A 55 31.90 5.66 11.53
C LEU A 55 32.33 4.19 11.51
N ILE A 56 32.60 3.64 10.34
CA ILE A 56 33.04 2.27 10.18
C ILE A 56 34.53 2.19 10.52
N THR A 57 35.35 3.02 9.86
CA THR A 57 36.78 3.16 10.17
C THR A 57 37.09 4.14 11.32
N ASP A 58 36.09 4.87 11.82
CA ASP A 58 36.34 5.85 12.88
C ASP A 58 37.46 6.86 12.52
N SER A 59 37.44 7.38 11.30
CA SER A 59 38.45 8.37 10.88
C SER A 59 37.78 9.64 10.41
N ASP A 60 38.28 10.78 10.87
CA ASP A 60 37.73 12.08 10.49
C ASP A 60 38.19 12.43 9.04
N ILE A 61 37.29 12.89 8.21
CA ILE A 61 37.65 13.39 6.89
C ILE A 61 38.41 14.70 7.04
N GLN A 62 39.64 14.66 6.55
CA GLN A 62 40.54 15.80 6.58
C GLN A 62 40.16 16.81 5.50
N GLY A 63 40.13 18.10 5.87
CA GLY A 63 40.06 19.19 4.92
C GLY A 63 38.66 19.72 4.62
N ILE A 64 37.67 19.41 5.46
CA ILE A 64 36.33 19.95 5.27
C ILE A 64 36.36 21.45 5.54
N ASP A 65 35.49 22.21 4.91
CA ASP A 65 35.43 23.64 5.16
C ASP A 65 34.05 23.98 5.63
N TYR A 66 33.93 25.12 6.27
CA TYR A 66 32.65 25.64 6.66
C TYR A 66 32.56 27.15 6.48
N ASN A 67 31.34 27.66 6.46
CA ASN A 67 31.12 29.09 6.29
C ASN A 67 29.84 29.53 7.03
N ILE A 68 29.96 30.54 7.90
CA ILE A 68 28.83 31.01 8.70
C ILE A 68 28.01 32.07 7.93
N GLU A 69 26.70 31.84 7.83
CA GLU A 69 25.75 32.78 7.23
C GLU A 69 24.56 33.01 8.14
N GLY A 70 24.62 34.06 8.97
CA GLY A 70 23.56 34.36 9.94
C GLY A 70 23.35 33.23 10.93
N ASN A 71 22.21 32.56 10.81
CA ASN A 71 21.89 31.42 11.66
C ASN A 71 22.21 30.07 11.03
N LYS A 72 22.83 30.06 9.85
CA LYS A 72 23.15 28.82 9.12
C LYS A 72 24.66 28.54 9.08
N VAL A 73 25.05 27.26 9.00
CA VAL A 73 26.46 26.87 8.80
C VAL A 73 26.55 25.89 7.62
N ILE A 74 27.34 26.19 6.61
CA ILE A 74 27.40 25.30 5.44
C ILE A 74 28.73 24.60 5.54
N ILE A 75 28.69 23.28 5.50
CA ILE A 75 29.90 22.52 5.60
C ILE A 75 30.09 21.89 4.26
N ASN A 76 31.32 21.96 3.75
CA ASN A 76 31.60 21.30 2.50
C ASN A 76 33.04 20.87 2.35
N ASN A 77 33.44 20.55 1.12
CA ASN A 77 34.80 20.14 0.78
C ASN A 77 35.12 18.71 1.16
N PHE A 78 34.11 17.85 1.03
CA PHE A 78 34.24 16.43 1.28
C PHE A 78 33.72 15.65 0.08
N SER A 79 34.05 14.36 0.05
CA SER A 79 33.59 13.43 -0.98
C SER A 79 33.20 12.08 -0.33
N LEU A 80 31.92 11.76 -0.32
CA LEU A 80 31.38 10.64 0.48
C LEU A 80 31.44 9.34 -0.34
N GLU A 81 31.74 8.24 0.34
CA GLU A 81 31.79 6.89 -0.26
C GLU A 81 30.43 6.24 -0.18
N PRO A 82 30.01 5.52 -1.24
CA PRO A 82 28.75 4.80 -1.12
C PRO A 82 28.71 3.70 -0.03
N THR A 83 27.54 3.52 0.59
CA THR A 83 27.28 2.59 1.68
C THR A 83 27.97 2.94 2.98
N CYS A 84 28.52 4.14 3.11
CA CYS A 84 29.17 4.54 4.33
C CYS A 84 28.29 5.37 5.23
N ASN A 85 28.46 5.19 6.53
CA ASN A 85 27.72 5.86 7.59
C ASN A 85 28.64 6.99 8.06
N TYR A 86 28.16 8.23 8.16
CA TYR A 86 28.98 9.38 8.57
C TYR A 86 28.34 10.11 9.71
N ARG A 87 29.15 10.71 10.58
CA ARG A 87 28.61 11.67 11.57
C ARG A 87 29.24 13.05 11.40
N LEU A 88 28.41 14.09 11.39
CA LEU A 88 28.88 15.42 11.42
C LEU A 88 28.65 15.90 12.84
N SER A 89 29.76 16.12 13.57
CA SER A 89 29.74 16.68 14.93
C SER A 89 30.20 18.11 14.89
N TYR A 90 29.57 18.95 15.70
CA TYR A 90 29.84 20.39 15.75
C TYR A 90 29.76 20.93 17.19
N GLU A 91 30.60 21.90 17.55
CA GLU A 91 30.30 22.77 18.69
C GLU A 91 30.26 24.18 18.10
N VAL A 92 29.14 24.86 18.28
CA VAL A 92 28.98 26.23 17.85
C VAL A 92 28.79 27.12 19.08
N ILE A 93 29.32 28.35 19.01
CA ILE A 93 28.97 29.41 19.96
C ILE A 93 28.13 30.47 19.21
N ASP A 94 26.93 30.78 19.73
CA ASP A 94 26.04 31.75 19.07
C ASP A 94 26.39 33.19 19.48
N ILE A 95 25.57 34.17 19.07
CA ILE A 95 25.90 35.58 19.30
C ILE A 95 25.59 36.04 20.73
N TYR A 96 24.88 35.23 21.49
CA TYR A 96 24.71 35.49 22.93
C TYR A 96 25.58 34.56 23.78
N ASP A 97 26.66 34.07 23.17
CA ASP A 97 27.62 33.18 23.84
C ASP A 97 27.00 31.88 24.38
N ASN A 98 25.88 31.45 23.81
CA ASN A 98 25.39 30.11 24.10
C ASN A 98 26.31 29.17 23.39
N HIS A 99 26.55 28.01 24.01
CA HIS A 99 27.23 26.88 23.39
C HIS A 99 26.19 25.80 23.07
N LEU A 100 26.36 25.16 21.94
CA LEU A 100 25.53 24.00 21.58
C LEU A 100 26.48 23.01 20.90
N GLN A 101 26.45 21.80 21.44
CA GLN A 101 27.17 20.65 20.98
C GLN A 101 26.09 19.77 20.39
N GLY A 102 26.33 19.18 19.22
CA GLY A 102 25.42 18.20 18.67
C GLY A 102 26.02 17.50 17.46
N TYR A 103 25.16 16.76 16.78
CA TYR A 103 25.57 16.00 15.64
C TYR A 103 24.38 15.62 14.80
N ILE A 104 24.68 15.34 13.53
CA ILE A 104 23.77 14.65 12.65
C ILE A 104 24.52 13.46 12.07
N GLU A 105 23.77 12.44 11.67
CA GLU A 105 24.30 11.21 11.09
C GLU A 105 23.53 10.91 9.80
N PHE A 106 24.13 10.19 8.89
CA PHE A 106 23.49 9.85 7.65
C PHE A 106 24.29 8.76 6.98
N LEU A 107 23.62 8.09 6.07
CA LEU A 107 24.09 6.92 5.34
C LEU A 107 24.15 7.25 3.86
N VAL A 108 25.18 6.79 3.17
CA VAL A 108 25.24 7.09 1.74
C VAL A 108 24.67 5.94 0.97
N ASN A 109 23.79 6.25 0.00
CA ASN A 109 23.21 5.23 -0.87
C ASN A 109 24.32 4.43 -1.57
N GLN A 110 23.99 3.19 -1.91
CA GLN A 110 24.81 2.34 -2.75
C GLN A 110 24.70 2.90 -4.15
N SER A 111 25.82 2.95 -4.86
CA SER A 111 25.82 3.48 -6.22
C SER A 111 25.69 2.31 -7.23
N ASN A 112 26.35 1.18 -6.93
CA ASN A 112 26.36 0.00 -7.77
C ASN A 112 25.45 -1.05 -7.21
N TYR A 113 24.20 -1.07 -7.65
CA TYR A 113 23.27 -2.03 -7.14
C TYR A 113 23.39 -3.40 -7.83
N PRO A 114 22.94 -4.48 -7.15
CA PRO A 114 22.82 -5.77 -7.79
C PRO A 114 21.96 -5.75 -9.04
N GLN A 115 22.38 -6.52 -10.04
CA GLN A 115 21.75 -6.48 -11.33
C GLN A 115 20.74 -7.64 -11.51
N ILE A 116 19.47 -7.29 -11.39
CA ILE A 116 18.40 -8.29 -11.37
C ILE A 116 17.77 -8.41 -12.76
N PRO A 117 17.71 -9.62 -13.31
CA PRO A 117 17.08 -9.80 -14.62
C PRO A 117 15.65 -9.33 -14.60
N ASP A 118 15.25 -8.59 -15.63
CA ASP A 118 14.00 -7.83 -15.58
C ASP A 118 12.78 -8.68 -15.28
N GLN A 119 12.82 -9.94 -15.69
CA GLN A 119 11.67 -10.86 -15.51
C GLN A 119 11.53 -11.33 -14.06
N GLU A 120 12.57 -11.21 -13.25
CA GLU A 120 12.54 -11.66 -11.86
C GLU A 120 12.28 -10.50 -10.87
N VAL A 121 12.41 -9.27 -11.34
CA VAL A 121 12.19 -8.09 -10.47
C VAL A 121 10.85 -8.22 -9.68
N ASN A 122 10.91 -7.84 -8.40
CA ASN A 122 9.90 -8.15 -7.41
C ASN A 122 8.76 -7.25 -7.76
N HIS A 123 7.54 -7.67 -7.45
CA HIS A 123 6.34 -6.90 -7.70
C HIS A 123 5.89 -6.15 -6.44
N THR A 124 5.32 -4.96 -6.60
CA THR A 124 5.02 -4.12 -5.48
C THR A 124 3.95 -3.13 -5.91
N ILE A 125 2.88 -3.03 -5.14
CA ILE A 125 1.65 -2.21 -5.53
C ILE A 125 1.55 -1.01 -4.66
N LEU A 126 1.12 0.09 -5.20
CA LEU A 126 0.83 1.29 -4.44
C LEU A 126 -0.62 1.46 -4.49
N GLN A 127 -1.23 1.62 -3.34
CA GLN A 127 -2.62 1.99 -3.32
C GLN A 127 -2.69 3.47 -3.46
N ALA A 128 -3.26 3.96 -4.57
CA ALA A 128 -3.15 5.39 -4.94
C ALA A 128 -4.24 6.28 -4.44
N PHE A 129 -4.70 6.02 -3.20
CA PHE A 129 -5.76 6.88 -2.64
C PHE A 129 -5.97 6.63 -1.13
N TYR A 130 -6.85 7.44 -0.57
CA TYR A 130 -7.25 7.40 0.82
C TYR A 130 -8.61 8.08 0.91
N TRP A 131 -9.29 7.92 2.03
CA TRP A 131 -10.67 8.22 2.09
C TRP A 131 -10.92 9.72 2.03
N GLU A 132 -10.09 10.50 2.71
CA GLU A 132 -10.36 11.92 2.93
C GLU A 132 -9.65 12.77 1.87
N MET A 133 -9.05 12.11 0.86
CA MET A 133 -8.39 12.86 -0.22
C MET A 133 -9.23 14.02 -0.73
N ASN A 134 -8.56 15.13 -0.92
CA ASN A 134 -9.21 16.32 -1.40
C ASN A 134 -10.39 16.76 -0.53
N THR A 135 -10.26 16.58 0.79
CA THR A 135 -11.26 17.06 1.78
C THR A 135 -10.61 17.77 2.96
N GLY A 136 -11.31 18.72 3.57
CA GLY A 136 -10.84 19.39 4.80
C GLY A 136 -9.41 19.93 4.67
N GLU A 137 -8.56 19.72 5.68
CA GLU A 137 -7.21 20.27 5.60
C GLU A 137 -6.43 19.55 4.50
N TYR A 138 -6.83 18.35 4.12
CA TYR A 138 -6.07 17.59 3.11
C TYR A 138 -6.01 18.31 1.75
N ALA A 139 -7.12 18.97 1.39
CA ALA A 139 -7.22 19.76 0.16
C ALA A 139 -6.33 21.02 0.22
N THR A 140 -6.13 21.53 1.43
CA THR A 140 -5.32 22.72 1.64
C THR A 140 -3.86 22.32 1.47
N GLU A 141 -3.42 21.39 2.32
CA GLU A 141 -2.02 21.01 2.42
C GLU A 141 -1.56 20.26 1.19
N HIS A 142 -2.49 19.66 0.46
CA HIS A 142 -2.19 18.88 -0.73
C HIS A 142 -3.14 19.18 -1.93
N PRO A 143 -2.97 20.36 -2.52
CA PRO A 143 -3.85 20.72 -3.59
C PRO A 143 -3.63 19.87 -4.82
N GLU A 144 -2.41 19.39 -5.05
CA GLU A 144 -2.15 18.50 -6.18
C GLU A 144 -3.14 17.31 -6.29
N GLU A 145 -3.71 16.85 -5.17
CA GLU A 145 -4.69 15.75 -5.17
C GLU A 145 -6.14 16.18 -5.51
N ALA A 146 -6.36 17.40 -5.96
CA ALA A 146 -7.69 17.75 -6.49
C ALA A 146 -7.89 17.11 -7.85
N ASN A 147 -6.87 16.37 -8.33
CA ASN A 147 -6.83 15.88 -9.71
C ASN A 147 -5.87 14.67 -9.79
N LEU A 148 -6.32 13.59 -9.16
CA LEU A 148 -5.56 12.45 -9.00
C LEU A 148 -5.05 11.88 -10.32
N TRP A 149 -5.87 11.81 -11.37
CA TRP A 149 -5.31 11.17 -12.59
C TRP A 149 -4.03 11.92 -13.14
N ASN A 150 -4.12 13.24 -13.06
CA ASN A 150 -3.05 14.10 -13.57
C ASN A 150 -1.81 13.94 -12.73
N LEU A 151 -2.02 13.82 -11.41
CA LEU A 151 -0.91 13.61 -10.47
C LEU A 151 -0.19 12.26 -10.70
N LEU A 152 -0.94 11.18 -10.85
CA LEU A 152 -0.33 9.87 -11.06
C LEU A 152 0.46 9.89 -12.35
N ALA A 153 -0.10 10.55 -13.35
CA ALA A 153 0.62 10.88 -14.59
C ALA A 153 1.97 11.61 -14.35
N GLU A 154 1.91 12.73 -13.65
CA GLU A 154 3.10 13.46 -13.28
C GLU A 154 4.13 12.54 -12.58
N ARG A 155 3.65 11.72 -11.67
CA ARG A 155 4.47 10.97 -10.71
C ARG A 155 4.91 9.60 -11.20
N ALA A 156 4.43 9.16 -12.35
CA ALA A 156 4.75 7.81 -12.80
C ALA A 156 6.25 7.53 -12.76
N PRO A 157 7.10 8.47 -13.22
CA PRO A 157 8.52 8.07 -13.29
C PRO A 157 9.16 7.90 -11.93
N GLU A 158 8.75 8.76 -10.97
CA GLU A 158 9.24 8.63 -9.60
C GLU A 158 8.62 7.41 -8.87
N LEU A 159 7.41 7.00 -9.24
CA LEU A 159 6.84 5.76 -8.67
C LEU A 159 7.66 4.59 -9.12
N ALA A 160 8.03 4.58 -10.40
CA ALA A 160 8.83 3.53 -10.99
C ALA A 160 10.24 3.53 -10.39
N GLU A 161 10.81 4.71 -10.15
CA GLU A 161 12.13 4.79 -9.50
C GLU A 161 12.09 4.25 -8.08
N ALA A 162 10.98 4.51 -7.41
CA ALA A 162 10.71 3.91 -6.08
C ALA A 162 10.52 2.40 -6.09
N GLY A 163 10.18 1.81 -7.23
CA GLY A 163 10.14 0.36 -7.34
C GLY A 163 8.73 -0.17 -7.45
N PHE A 164 7.71 0.70 -7.48
CA PHE A 164 6.36 0.26 -7.71
C PHE A 164 6.25 -0.36 -9.14
N THR A 165 5.59 -1.51 -9.22
CA THR A 165 5.36 -2.17 -10.49
C THR A 165 3.87 -2.11 -10.89
N ALA A 166 2.99 -1.76 -9.97
CA ALA A 166 1.55 -1.56 -10.28
C ALA A 166 0.92 -0.54 -9.38
N VAL A 167 -0.18 0.04 -9.78
CA VAL A 167 -0.94 1.01 -8.93
C VAL A 167 -2.41 0.60 -8.88
N TRP A 168 -2.98 0.50 -7.69
CA TRP A 168 -4.36 0.28 -7.53
C TRP A 168 -5.06 1.65 -7.34
N LEU A 169 -5.96 1.92 -8.26
CA LEU A 169 -6.71 3.15 -8.28
C LEU A 169 -7.99 3.06 -7.50
N PRO A 170 -8.51 4.20 -7.03
CA PRO A 170 -9.85 4.21 -6.50
C PRO A 170 -10.86 3.93 -7.60
N PRO A 171 -12.07 3.51 -7.23
CA PRO A 171 -13.05 3.32 -8.33
C PRO A 171 -13.11 4.48 -9.28
N ALA A 172 -12.95 4.23 -10.59
CA ALA A 172 -12.85 5.35 -11.58
C ALA A 172 -14.17 5.73 -12.20
N ASN A 173 -15.25 5.00 -11.82
CA ASN A 173 -16.57 5.29 -12.36
C ASN A 173 -17.41 6.28 -11.56
N LYS A 174 -18.50 6.71 -12.14
CA LYS A 174 -19.36 7.78 -11.51
C LYS A 174 -20.20 7.17 -10.34
N GLY A 175 -20.13 7.81 -9.17
CA GLY A 175 -20.86 7.35 -8.00
C GLY A 175 -21.99 8.39 -7.76
N MET A 176 -22.83 8.06 -6.79
CA MET A 176 -24.06 8.68 -6.55
C MET A 176 -23.86 10.00 -5.86
N ALA A 177 -22.70 10.19 -5.22
CA ALA A 177 -22.36 11.51 -4.68
C ALA A 177 -21.56 12.33 -5.70
N GLY A 178 -21.52 11.90 -6.97
CA GLY A 178 -20.84 12.68 -8.02
C GLY A 178 -19.39 12.97 -7.64
N ILE A 179 -19.12 14.27 -7.49
CA ILE A 179 -17.72 14.73 -7.42
C ILE A 179 -17.14 14.48 -6.01
N HIS A 180 -18.03 14.22 -5.05
CA HIS A 180 -17.66 13.90 -3.66
C HIS A 180 -17.67 12.47 -3.33
N ASP A 181 -17.86 11.65 -4.37
CA ASP A 181 -17.88 10.24 -4.17
C ASP A 181 -16.49 9.69 -4.29
N VAL A 182 -16.17 8.96 -3.24
CA VAL A 182 -14.90 8.35 -3.08
C VAL A 182 -14.80 7.23 -4.05
N GLY A 183 -15.99 6.71 -4.49
CA GLY A 183 -16.11 5.75 -5.58
C GLY A 183 -16.97 4.53 -5.30
N TYR A 184 -17.26 4.28 -4.03
CA TYR A 184 -18.02 3.14 -3.70
C TYR A 184 -19.53 3.32 -3.76
N GLY A 185 -20.08 4.54 -3.91
CA GLY A 185 -21.53 4.69 -4.11
C GLY A 185 -21.93 4.43 -5.57
N THR A 186 -21.55 3.25 -6.09
CA THR A 186 -21.56 2.98 -7.51
C THR A 186 -22.84 3.29 -8.19
N TYR A 187 -22.75 4.08 -9.27
CA TYR A 187 -23.92 4.42 -9.99
C TYR A 187 -23.83 3.95 -11.40
N ASP A 188 -22.86 4.47 -12.15
CA ASP A 188 -22.63 4.02 -13.49
C ASP A 188 -21.18 3.49 -13.84
N LEU A 189 -21.05 2.20 -13.86
CA LEU A 189 -19.75 1.52 -14.29
C LEU A 189 -19.14 1.92 -15.64
N TRP A 190 -19.97 2.07 -16.68
CA TRP A 190 -19.58 2.60 -18.03
C TRP A 190 -19.35 4.14 -18.16
N ASP A 191 -19.57 4.89 -17.07
CA ASP A 191 -19.19 6.32 -17.01
C ASP A 191 -17.90 6.53 -16.19
N LEU A 192 -16.78 6.81 -16.85
CA LEU A 192 -15.48 7.05 -16.18
C LEU A 192 -15.17 8.53 -16.07
N GLY A 193 -16.20 9.39 -15.86
CA GLY A 193 -16.02 10.83 -15.85
C GLY A 193 -15.94 11.25 -17.31
N GLU A 194 -16.91 10.76 -18.11
CA GLU A 194 -17.13 11.12 -19.51
C GLU A 194 -18.48 11.83 -19.73
N PHE A 195 -19.44 11.60 -18.82
CA PHE A 195 -20.84 12.05 -19.00
C PHE A 195 -21.32 12.86 -17.84
N ASP A 196 -22.15 13.86 -18.13
CA ASP A 196 -22.71 14.70 -17.10
C ASP A 196 -23.80 13.87 -16.43
N GLN A 197 -23.51 13.42 -15.21
CA GLN A 197 -24.38 12.53 -14.45
C GLN A 197 -23.96 12.74 -13.02
N LYS A 198 -24.96 12.88 -12.16
CA LYS A 198 -24.73 13.12 -10.73
C LYS A 198 -24.09 14.49 -10.55
N GLY A 199 -24.48 15.41 -11.43
CA GLY A 199 -24.07 16.80 -11.31
C GLY A 199 -22.66 17.09 -11.77
N THR A 200 -22.04 16.15 -12.46
CA THR A 200 -20.63 16.29 -12.76
C THR A 200 -20.29 15.46 -13.95
N VAL A 201 -19.43 15.99 -14.80
CA VAL A 201 -18.89 15.18 -15.89
C VAL A 201 -17.77 14.31 -15.36
N ARG A 202 -16.79 14.97 -14.76
CA ARG A 202 -15.69 14.26 -14.06
C ARG A 202 -16.14 13.57 -12.77
N THR A 203 -15.40 12.50 -12.44
CA THR A 203 -15.49 11.88 -11.17
C THR A 203 -14.70 12.78 -10.17
N LYS A 204 -14.65 12.40 -8.90
CA LYS A 204 -13.80 13.08 -7.95
C LYS A 204 -12.34 13.13 -8.41
N TYR A 205 -11.89 12.03 -9.07
CA TYR A 205 -10.48 11.90 -9.52
C TYR A 205 -10.09 12.49 -10.92
N GLY A 206 -11.04 12.57 -11.89
CA GLY A 206 -10.75 13.29 -13.15
C GLY A 206 -11.72 12.88 -14.26
N THR A 207 -11.37 13.23 -15.50
CA THR A 207 -12.04 12.73 -16.71
C THR A 207 -11.52 11.36 -17.25
N LYS A 208 -12.32 10.77 -18.13
CA LYS A 208 -11.93 9.55 -18.82
C LYS A 208 -10.60 9.74 -19.58
N GLY A 209 -10.48 10.90 -20.24
CA GLY A 209 -9.28 11.26 -21.00
C GLY A 209 -8.03 11.37 -20.12
N GLU A 210 -8.11 12.20 -19.07
CA GLU A 210 -7.08 12.25 -17.99
C GLU A 210 -6.66 10.88 -17.46
N LEU A 211 -7.63 9.98 -17.35
CA LEU A 211 -7.42 8.65 -16.79
C LEU A 211 -6.67 7.82 -17.83
N GLU A 212 -7.14 7.89 -19.07
CA GLU A 212 -6.44 7.28 -20.19
C GLU A 212 -5.02 7.87 -20.33
N ASN A 213 -4.89 9.17 -20.07
CA ASN A 213 -3.55 9.80 -19.96
C ASN A 213 -2.71 9.03 -18.94
N ALA A 214 -3.21 8.99 -17.70
CA ALA A 214 -2.48 8.39 -16.56
C ALA A 214 -2.04 6.97 -16.90
N ILE A 215 -2.90 6.21 -17.59
CA ILE A 215 -2.61 4.79 -17.87
C ILE A 215 -1.48 4.61 -18.85
N ASP A 216 -1.49 5.46 -19.88
CA ASP A 216 -0.33 5.60 -20.76
C ASP A 216 0.87 6.11 -19.98
N ALA A 217 0.74 7.24 -19.28
CA ALA A 217 1.88 7.66 -18.40
C ALA A 217 2.47 6.43 -17.70
N LEU A 218 1.59 5.67 -17.02
CA LEU A 218 2.06 4.61 -16.11
C LEU A 218 2.66 3.40 -16.87
N HIS A 219 1.98 3.01 -17.96
CA HIS A 219 2.44 1.88 -18.78
C HIS A 219 3.78 2.23 -19.40
N ASN A 220 3.96 3.54 -19.64
CA ASN A 220 5.18 4.13 -20.23
C ASN A 220 6.39 3.90 -19.37
N ASN A 221 6.14 3.91 -18.06
CA ASN A 221 7.16 3.64 -17.08
C ASN A 221 7.10 2.22 -16.52
N ASP A 222 6.41 1.30 -17.18
CA ASP A 222 6.38 -0.11 -16.80
C ASP A 222 5.66 -0.44 -15.48
N ILE A 223 4.54 0.24 -15.26
CA ILE A 223 3.69 0.10 -14.10
C ILE A 223 2.26 -0.35 -14.54
N LYS A 224 1.70 -1.41 -13.93
CA LYS A 224 0.36 -1.88 -14.24
C LYS A 224 -0.68 -1.00 -13.50
N VAL A 225 -1.94 -1.06 -13.89
CA VAL A 225 -3.01 -0.18 -13.33
C VAL A 225 -4.21 -1.11 -13.09
N TYR A 226 -4.57 -1.28 -11.82
CA TYR A 226 -5.68 -2.03 -11.41
C TYR A 226 -6.89 -1.11 -11.15
N PHE A 227 -8.05 -1.60 -11.61
CA PHE A 227 -9.32 -1.00 -11.41
C PHE A 227 -10.04 -1.60 -10.15
N ASP A 228 -10.66 -0.69 -9.39
CA ASP A 228 -11.38 -1.00 -8.17
C ASP A 228 -12.88 -1.10 -8.53
N ALA A 229 -13.26 -2.33 -8.81
CA ALA A 229 -14.58 -2.69 -9.33
C ALA A 229 -15.47 -3.04 -8.15
N VAL A 230 -16.56 -2.26 -8.06
CA VAL A 230 -17.57 -2.37 -7.07
C VAL A 230 -18.82 -2.93 -7.75
N LEU A 231 -19.01 -4.23 -7.63
CA LEU A 231 -20.01 -4.98 -8.40
C LEU A 231 -21.18 -5.45 -7.60
N ASN A 232 -21.15 -5.24 -6.30
CA ASN A 232 -22.18 -5.81 -5.39
C ASN A 232 -23.51 -5.05 -5.44
N HIS A 233 -23.49 -3.75 -5.59
CA HIS A 233 -24.69 -2.93 -5.45
C HIS A 233 -24.77 -1.70 -6.39
N ARG A 234 -25.91 -1.03 -6.36
CA ARG A 234 -26.02 0.27 -7.03
C ARG A 234 -26.72 1.28 -6.16
N MET A 235 -26.38 2.53 -6.38
CA MET A 235 -26.87 3.62 -5.57
C MET A 235 -27.23 4.82 -6.45
N GLY A 236 -28.05 5.75 -5.93
CA GLY A 236 -28.47 6.93 -6.73
C GLY A 236 -29.26 6.64 -7.96
N ALA A 237 -30.24 5.73 -7.90
CA ALA A 237 -31.06 5.38 -9.09
C ALA A 237 -31.84 6.62 -9.61
N ASP A 238 -32.11 6.56 -10.92
CA ASP A 238 -32.75 7.60 -11.66
C ASP A 238 -34.20 7.72 -11.25
N TYR A 239 -34.88 6.59 -11.08
CA TYR A 239 -36.25 6.65 -10.54
C TYR A 239 -36.58 5.47 -9.60
N ALA A 240 -37.64 5.70 -8.84
CA ALA A 240 -38.29 4.70 -8.00
C ALA A 240 -39.47 3.91 -8.68
N GLU A 241 -39.87 2.84 -8.00
CA GLU A 241 -40.72 1.83 -8.56
C GLU A 241 -41.42 1.21 -7.37
N THR A 242 -42.67 0.80 -7.59
CA THR A 242 -43.44 0.03 -6.61
C THR A 242 -43.06 -1.42 -6.77
N VAL A 243 -42.56 -2.04 -5.68
CA VAL A 243 -42.13 -3.45 -5.66
C VAL A 243 -42.77 -4.21 -4.46
N LEU A 244 -43.43 -5.28 -4.80
CA LEU A 244 -43.88 -6.25 -3.82
C LEU A 244 -42.65 -7.03 -3.25
N LEU A 245 -42.67 -7.31 -1.94
CA LEU A 245 -41.63 -8.03 -1.22
C LEU A 245 -42.05 -9.48 -0.96
N ASP A 246 -41.10 -10.39 -1.13
CA ASP A 246 -41.28 -11.86 -0.96
C ASP A 246 -41.78 -12.21 0.43
N GLU A 247 -42.48 -13.34 0.50
CA GLU A 247 -42.89 -13.95 1.78
C GLU A 247 -41.67 -14.32 2.65
N ASN A 248 -40.52 -14.55 2.01
CA ASN A 248 -39.28 -14.86 2.75
C ASN A 248 -38.43 -13.64 3.14
N SER A 249 -38.94 -12.44 2.88
CA SER A 249 -38.18 -11.23 3.19
C SER A 249 -38.18 -11.14 4.70
N ARG A 250 -37.03 -10.76 5.24
CA ARG A 250 -36.86 -10.57 6.66
C ARG A 250 -37.70 -9.38 7.14
N ASP A 251 -37.65 -8.27 6.42
CA ASP A 251 -38.51 -7.10 6.77
C ASP A 251 -39.70 -6.99 5.79
N LYS A 252 -40.84 -6.49 6.31
CA LYS A 252 -42.07 -6.19 5.51
C LYS A 252 -42.44 -7.25 4.45
N PRO A 253 -42.38 -8.55 4.83
CA PRO A 253 -42.67 -9.61 3.86
C PRO A 253 -44.11 -9.49 3.28
N GLY A 254 -44.24 -9.68 1.97
CA GLY A 254 -45.54 -9.47 1.29
C GLY A 254 -46.14 -8.03 1.34
N GLN A 255 -45.35 -7.03 1.78
CA GLN A 255 -45.76 -5.62 1.66
C GLN A 255 -45.26 -5.06 0.35
N TYR A 256 -45.90 -3.95 -0.01
CA TYR A 256 -45.41 -3.21 -1.16
C TYR A 256 -44.56 -2.09 -0.66
N ILE A 257 -43.45 -1.82 -1.35
CA ILE A 257 -42.54 -0.73 -1.01
C ILE A 257 -42.17 0.04 -2.26
N LYS A 258 -41.57 1.19 -2.03
CA LYS A 258 -41.19 2.09 -3.10
C LYS A 258 -39.65 2.08 -3.06
N ALA A 259 -39.09 1.38 -4.06
CA ALA A 259 -37.68 1.01 -4.17
C ALA A 259 -36.95 1.90 -5.18
N TRP A 260 -35.82 2.50 -4.78
CA TRP A 260 -35.02 3.26 -5.75
C TRP A 260 -34.15 2.31 -6.56
N THR A 261 -34.72 1.80 -7.68
CA THR A 261 -34.21 0.68 -8.48
C THR A 261 -34.11 0.96 -9.98
N GLY A 262 -34.62 2.12 -10.44
CA GLY A 262 -34.51 2.47 -11.86
C GLY A 262 -33.29 3.30 -12.24
N PHE A 263 -32.45 2.71 -13.10
CA PHE A 263 -31.26 3.32 -13.64
C PHE A 263 -31.30 3.25 -15.17
N ASN A 264 -31.30 4.40 -15.83
CA ASN A 264 -31.12 4.38 -17.28
C ASN A 264 -30.05 5.31 -17.80
N PHE A 265 -29.32 5.97 -16.91
CA PHE A 265 -28.11 6.63 -17.31
C PHE A 265 -28.41 7.58 -18.47
N PRO A 266 -29.31 8.57 -18.22
CA PRO A 266 -29.75 9.56 -19.23
C PRO A 266 -28.58 10.32 -19.87
N GLY A 267 -27.67 10.83 -19.05
CA GLY A 267 -26.46 11.50 -19.49
C GLY A 267 -25.55 10.73 -20.43
N ARG A 268 -25.51 9.40 -20.35
CA ARG A 268 -24.64 8.63 -21.24
C ARG A 268 -25.34 8.20 -22.56
N ASN A 269 -26.66 8.00 -22.51
CA ASN A 269 -27.49 7.80 -23.72
C ASN A 269 -27.02 6.66 -24.59
N GLY A 270 -26.84 5.54 -23.90
CA GLY A 270 -26.55 4.31 -24.54
C GLY A 270 -25.13 4.17 -24.94
N GLU A 271 -24.28 5.17 -24.76
CA GLU A 271 -22.91 4.92 -25.21
C GLU A 271 -22.31 3.70 -24.47
N TYR A 272 -21.70 2.77 -25.23
CA TYR A 272 -20.96 1.57 -24.75
C TYR A 272 -21.88 0.43 -24.38
N SER A 273 -22.99 0.74 -23.73
CA SER A 273 -23.96 -0.26 -23.35
C SER A 273 -25.34 0.42 -23.26
N ASN A 274 -26.36 -0.22 -23.82
CA ASN A 274 -27.74 0.31 -23.78
C ASN A 274 -28.55 -0.47 -22.73
N PHE A 275 -27.85 -1.19 -21.86
CA PHE A 275 -28.52 -1.92 -20.78
C PHE A 275 -29.09 -0.93 -19.79
N THR A 276 -30.29 -1.17 -19.30
CA THR A 276 -30.84 -0.37 -18.25
C THR A 276 -31.30 -1.32 -17.13
N TRP A 277 -31.49 -0.76 -15.95
CA TRP A 277 -31.72 -1.52 -14.73
C TRP A 277 -33.08 -1.20 -14.16
N ASN A 278 -33.78 -2.23 -13.71
CA ASN A 278 -34.92 -1.99 -12.79
C ASN A 278 -35.02 -3.01 -11.68
N GLY A 279 -36.11 -2.93 -10.95
CA GLY A 279 -36.56 -3.95 -9.98
C GLY A 279 -36.10 -5.39 -10.20
N GLN A 280 -36.09 -5.88 -11.41
CA GLN A 280 -35.83 -7.29 -11.70
C GLN A 280 -34.34 -7.58 -11.90
N CYS A 281 -33.58 -6.48 -11.93
CA CYS A 281 -32.14 -6.52 -11.89
C CYS A 281 -31.54 -6.63 -10.47
N PHE A 282 -32.37 -6.65 -9.44
CA PHE A 282 -31.92 -6.56 -8.07
C PHE A 282 -32.64 -7.57 -7.22
N ASP A 283 -31.99 -8.03 -6.16
CA ASP A 283 -32.59 -9.00 -5.26
C ASP A 283 -33.27 -8.25 -4.21
N GLY A 284 -32.79 -7.07 -3.89
CA GLY A 284 -33.47 -6.26 -2.91
C GLY A 284 -32.79 -4.97 -2.57
N THR A 285 -33.23 -4.36 -1.49
CA THR A 285 -32.79 -3.01 -1.13
C THR A 285 -32.99 -2.85 0.40
N ASP A 286 -32.51 -1.71 0.91
CA ASP A 286 -32.61 -1.37 2.32
C ASP A 286 -33.54 -0.13 2.59
N TRP A 287 -34.16 0.41 1.55
CA TRP A 287 -34.95 1.62 1.75
C TRP A 287 -36.36 1.47 1.12
N ASP A 288 -37.37 1.76 1.96
CA ASP A 288 -38.75 1.89 1.50
C ASP A 288 -39.16 3.34 1.61
N ASP A 289 -39.40 3.94 0.43
CA ASP A 289 -39.62 5.36 0.34
C ASP A 289 -41.08 5.69 0.61
N TYR A 290 -41.91 4.67 0.83
CA TYR A 290 -43.26 4.92 1.29
C TYR A 290 -43.20 5.18 2.77
N SER A 291 -42.75 4.14 3.48
CA SER A 291 -42.74 4.20 4.96
C SER A 291 -41.58 5.06 5.47
N LYS A 292 -40.64 5.38 4.59
CA LYS A 292 -39.43 6.11 4.95
C LYS A 292 -38.62 5.32 5.97
N GLU A 293 -38.53 4.00 5.76
CA GLU A 293 -37.86 3.13 6.73
C GLU A 293 -36.80 2.24 6.10
N SER A 294 -35.74 1.98 6.86
CA SER A 294 -34.61 1.12 6.46
C SER A 294 -34.91 -0.29 6.84
N GLY A 295 -34.35 -1.21 6.11
CA GLY A 295 -34.63 -2.57 6.47
C GLY A 295 -33.78 -3.40 5.62
N LYS A 296 -34.09 -4.66 5.60
CA LYS A 296 -33.52 -5.56 4.59
C LYS A 296 -34.68 -6.16 3.83
N TYR A 297 -34.79 -5.77 2.55
CA TYR A 297 -35.98 -6.09 1.79
C TYR A 297 -35.68 -6.93 0.64
N LEU A 298 -36.29 -8.10 0.64
CA LEU A 298 -36.15 -9.04 -0.44
C LEU A 298 -37.38 -8.95 -1.34
N PHE A 299 -37.12 -8.75 -2.62
CA PHE A 299 -38.11 -8.62 -3.69
C PHE A 299 -38.79 -9.95 -4.06
N ASP A 300 -40.11 -9.85 -4.27
CA ASP A 300 -40.93 -11.01 -4.71
C ASP A 300 -40.27 -11.92 -5.76
N GLU A 301 -40.21 -13.20 -5.44
CA GLU A 301 -39.60 -14.24 -6.32
C GLU A 301 -38.11 -14.15 -6.57
N LYS A 302 -37.46 -13.24 -5.89
CA LYS A 302 -36.01 -13.26 -5.87
C LYS A 302 -35.48 -14.06 -4.65
N SER A 303 -34.32 -14.68 -4.85
CA SER A 303 -33.53 -15.29 -3.77
C SER A 303 -32.13 -14.66 -3.71
N TRP A 304 -31.68 -14.45 -2.47
CA TRP A 304 -30.39 -13.97 -2.18
C TRP A 304 -29.42 -14.98 -2.85
N ASP A 305 -28.38 -14.45 -3.48
CA ASP A 305 -27.47 -15.23 -4.26
C ASP A 305 -26.57 -16.02 -3.37
N TRP A 306 -25.98 -17.06 -3.93
CA TRP A 306 -25.07 -17.96 -3.18
C TRP A 306 -23.77 -17.29 -2.74
N THR A 307 -23.52 -17.30 -1.44
CA THR A 307 -22.38 -16.62 -0.87
C THR A 307 -21.74 -17.54 0.13
N TYR A 308 -20.45 -17.36 0.37
CA TYR A 308 -19.68 -18.19 1.30
C TYR A 308 -20.28 -18.44 2.69
N ASN A 309 -20.82 -17.39 3.27
CA ASN A 309 -21.47 -17.39 4.54
C ASN A 309 -22.93 -17.10 4.27
N TRP A 310 -23.77 -17.71 5.10
CA TRP A 310 -25.19 -17.67 4.91
C TRP A 310 -25.64 -16.26 5.07
N ASP A 311 -26.58 -15.90 4.17
CA ASP A 311 -27.25 -14.59 4.20
C ASP A 311 -26.36 -13.30 4.10
N GLU A 312 -25.24 -13.37 3.40
CA GLU A 312 -24.38 -12.19 3.27
C GLU A 312 -24.36 -11.57 1.86
N ASP A 313 -25.25 -12.01 0.98
CA ASP A 313 -25.46 -11.35 -0.34
C ASP A 313 -25.83 -9.87 -0.04
N TYR A 314 -26.79 -9.66 0.86
CA TYR A 314 -27.27 -8.28 1.11
C TYR A 314 -26.32 -7.50 1.98
N LEU A 315 -25.85 -6.36 1.46
CA LEU A 315 -24.95 -5.48 2.25
C LEU A 315 -25.46 -4.05 2.44
N MET A 316 -25.69 -3.37 1.32
CA MET A 316 -26.11 -1.95 1.31
C MET A 316 -26.66 -1.66 -0.10
N GLY A 317 -27.47 -0.59 -0.24
CA GLY A 317 -27.84 -0.09 -1.59
C GLY A 317 -28.86 -1.03 -2.17
N ALA A 318 -29.05 -0.94 -3.48
CA ALA A 318 -29.85 -1.85 -4.22
C ALA A 318 -28.89 -3.10 -4.61
N ASP A 319 -29.25 -4.29 -4.19
CA ASP A 319 -28.42 -5.45 -4.38
C ASP A 319 -28.56 -6.16 -5.75
N VAL A 320 -27.46 -6.19 -6.50
CA VAL A 320 -27.48 -6.86 -7.83
C VAL A 320 -27.89 -8.32 -7.73
N ASP A 321 -28.73 -8.78 -8.67
CA ASP A 321 -29.18 -10.14 -8.71
C ASP A 321 -28.31 -10.86 -9.70
N TYR A 322 -27.22 -11.48 -9.28
CA TYR A 322 -26.34 -12.15 -10.24
C TYR A 322 -26.87 -13.48 -10.70
N GLU A 323 -28.06 -13.86 -10.27
CA GLU A 323 -28.80 -14.91 -10.99
C GLU A 323 -29.40 -14.44 -12.36
N ASN A 324 -29.55 -13.12 -12.53
CA ASN A 324 -30.16 -12.52 -13.72
C ASN A 324 -29.16 -12.43 -14.88
N GLU A 325 -29.51 -13.02 -16.01
CA GLU A 325 -28.55 -13.36 -17.07
C GLU A 325 -28.14 -12.14 -17.88
N ALA A 326 -29.10 -11.24 -18.04
CA ALA A 326 -28.90 -9.96 -18.69
C ALA A 326 -27.92 -9.13 -17.86
N VAL A 327 -28.12 -9.17 -16.54
CA VAL A 327 -27.24 -8.41 -15.62
C VAL A 327 -25.81 -9.08 -15.74
N GLN A 328 -25.73 -10.40 -15.62
CA GLN A 328 -24.39 -11.08 -15.69
C GLN A 328 -23.67 -10.68 -16.93
N ASN A 329 -24.41 -10.63 -18.04
CA ASN A 329 -23.87 -10.27 -19.34
C ASN A 329 -23.38 -8.85 -19.49
N ASP A 330 -24.14 -7.85 -18.99
CA ASP A 330 -23.67 -6.50 -19.09
C ASP A 330 -22.38 -6.29 -18.26
N VAL A 331 -22.38 -6.83 -17.06
CA VAL A 331 -21.22 -6.70 -16.19
C VAL A 331 -20.01 -7.53 -16.74
N ILE A 332 -20.22 -8.68 -17.37
CA ILE A 332 -19.04 -9.38 -17.98
C ILE A 332 -18.49 -8.47 -19.08
N ASP A 333 -19.39 -7.81 -19.80
CA ASP A 333 -19.00 -6.98 -20.94
C ASP A 333 -18.16 -5.78 -20.43
N TRP A 334 -18.56 -5.20 -19.31
CA TRP A 334 -17.76 -4.10 -18.74
C TRP A 334 -16.37 -4.61 -18.32
N GLY A 335 -16.35 -5.66 -17.58
CA GLY A 335 -15.05 -6.31 -17.25
C GLY A 335 -14.08 -6.30 -18.41
N GLN A 336 -14.57 -6.81 -19.52
CA GLN A 336 -13.88 -6.92 -20.78
C GLN A 336 -13.50 -5.57 -21.39
N TRP A 337 -14.45 -4.62 -21.44
CA TRP A 337 -14.20 -3.27 -21.84
C TRP A 337 -13.06 -2.67 -21.06
N ILE A 338 -13.05 -2.86 -19.74
CA ILE A 338 -12.05 -2.21 -18.87
C ILE A 338 -10.59 -2.70 -19.22
N ILE A 339 -10.41 -3.99 -19.41
CA ILE A 339 -9.08 -4.56 -19.79
C ILE A 339 -8.66 -4.36 -21.30
N ASN A 340 -9.54 -4.81 -22.18
CA ASN A 340 -9.32 -4.82 -23.59
C ASN A 340 -9.44 -3.48 -24.29
N ASN A 341 -10.36 -2.62 -23.84
CA ASN A 341 -10.61 -1.33 -24.46
C ASN A 341 -9.95 -0.20 -23.70
N ILE A 342 -10.13 -0.16 -22.38
CA ILE A 342 -9.52 0.91 -21.54
C ILE A 342 -8.14 0.51 -21.07
N ASP A 343 -7.72 -0.72 -21.36
CA ASP A 343 -6.28 -1.09 -21.18
C ASP A 343 -5.85 -1.21 -19.71
N PHE A 344 -6.74 -1.57 -18.76
CA PHE A 344 -6.31 -1.87 -17.41
C PHE A 344 -5.70 -3.24 -17.37
N ASP A 345 -4.94 -3.49 -16.33
CA ASP A 345 -4.18 -4.73 -16.25
C ASP A 345 -4.74 -5.63 -15.14
N GLY A 346 -5.81 -5.19 -14.47
CA GLY A 346 -6.33 -5.95 -13.38
C GLY A 346 -7.38 -5.22 -12.59
N PHE A 347 -7.88 -5.93 -11.56
CA PHE A 347 -8.91 -5.42 -10.66
C PHE A 347 -8.70 -5.69 -9.14
N ARG A 348 -9.11 -4.72 -8.32
CA ARG A 348 -9.56 -5.06 -7.00
C ARG A 348 -11.06 -5.24 -7.04
N LEU A 349 -11.55 -6.23 -6.29
CA LEU A 349 -12.95 -6.70 -6.25
C LEU A 349 -13.56 -6.36 -4.91
N ASP A 350 -14.28 -5.21 -4.85
CA ASP A 350 -14.83 -4.77 -3.61
C ASP A 350 -15.88 -5.75 -3.19
N ALA A 351 -15.93 -5.95 -1.87
CA ALA A 351 -17.01 -6.73 -1.21
C ALA A 351 -17.19 -8.03 -1.83
N VAL A 352 -16.06 -8.76 -2.01
CA VAL A 352 -16.07 -9.91 -2.83
C VAL A 352 -16.87 -11.03 -2.19
N LYS A 353 -16.93 -11.12 -0.86
CA LYS A 353 -17.73 -12.20 -0.29
C LYS A 353 -19.26 -11.91 -0.21
N HIS A 354 -19.68 -10.70 -0.55
CA HIS A 354 -21.11 -10.39 -0.65
C HIS A 354 -21.71 -10.49 -2.09
N ILE A 355 -21.06 -11.25 -2.96
CA ILE A 355 -21.46 -11.27 -4.37
C ILE A 355 -21.36 -12.74 -4.74
N ASP A 356 -22.36 -13.22 -5.50
CA ASP A 356 -22.52 -14.57 -5.84
C ASP A 356 -21.18 -15.29 -6.16
N TYR A 357 -20.74 -16.17 -5.33
CA TYR A 357 -19.42 -16.83 -5.71
C TYR A 357 -19.38 -17.44 -7.07
N ARG A 358 -20.48 -17.99 -7.56
CA ARG A 358 -20.52 -18.59 -8.90
C ARG A 358 -20.34 -17.48 -9.94
N PHE A 359 -20.95 -16.29 -9.72
CA PHE A 359 -20.79 -15.22 -10.61
C PHE A 359 -19.30 -14.67 -10.63
N ILE A 360 -18.67 -14.44 -9.46
CA ILE A 360 -17.26 -13.99 -9.39
C ILE A 360 -16.36 -14.96 -10.19
N ASP A 361 -16.56 -16.25 -10.04
CA ASP A 361 -15.67 -17.20 -10.80
C ASP A 361 -15.92 -17.06 -12.31
N LYS A 362 -17.17 -16.67 -12.67
CA LYS A 362 -17.58 -16.79 -14.09
C LYS A 362 -17.00 -15.58 -14.82
N TRP A 363 -16.93 -14.50 -14.07
CA TRP A 363 -16.54 -13.24 -14.61
C TRP A 363 -15.05 -13.19 -14.57
N MET A 364 -14.49 -13.49 -13.43
CA MET A 364 -13.04 -13.67 -13.50
C MET A 364 -12.61 -14.56 -14.69
N SER A 365 -13.34 -15.61 -14.98
CA SER A 365 -12.92 -16.47 -16.13
C SER A 365 -13.19 -15.86 -17.53
N ALA A 366 -14.31 -15.09 -17.64
CA ALA A 366 -14.72 -14.55 -18.91
C ALA A 366 -13.71 -13.45 -19.20
N VAL A 367 -13.55 -12.54 -18.23
CA VAL A 367 -12.57 -11.45 -18.36
C VAL A 367 -11.13 -12.06 -18.58
N GLN A 368 -10.67 -12.96 -17.75
CA GLN A 368 -9.29 -13.52 -18.04
C GLN A 368 -9.19 -14.09 -19.49
N ASN A 369 -10.22 -14.81 -19.92
CA ASN A 369 -10.25 -15.50 -21.22
C ASN A 369 -10.31 -14.61 -22.48
N SER A 370 -10.82 -13.38 -22.30
CA SER A 370 -10.99 -12.42 -23.35
C SER A 370 -9.69 -11.75 -23.79
N SER A 371 -8.60 -11.83 -23.04
CA SER A 371 -7.34 -11.20 -23.47
C SER A 371 -6.10 -12.09 -23.30
N ASN A 372 -5.05 -11.83 -24.09
CA ASN A 372 -3.74 -12.53 -23.87
C ASN A 372 -2.98 -12.06 -22.63
N ARG A 373 -3.26 -10.86 -22.13
CA ARG A 373 -2.62 -10.42 -20.91
C ARG A 373 -3.14 -11.26 -19.76
N ASP A 374 -2.24 -11.52 -18.84
CA ASP A 374 -2.56 -12.18 -17.58
C ASP A 374 -3.19 -11.22 -16.55
N VAL A 375 -4.51 -11.09 -16.56
CA VAL A 375 -5.21 -10.14 -15.68
C VAL A 375 -5.12 -10.53 -14.19
N PHE A 376 -4.70 -9.56 -13.36
CA PHE A 376 -4.49 -9.72 -11.93
C PHE A 376 -5.81 -9.39 -11.27
N PHE A 377 -6.13 -10.23 -10.30
CA PHE A 377 -7.36 -10.05 -9.54
C PHE A 377 -7.14 -10.25 -8.05
N VAL A 378 -7.68 -9.33 -7.23
CA VAL A 378 -7.56 -9.35 -5.78
C VAL A 378 -8.89 -8.95 -5.18
N GLY A 379 -9.44 -9.86 -4.34
CA GLY A 379 -10.65 -9.59 -3.55
C GLY A 379 -10.44 -9.03 -2.16
N GLU A 380 -11.30 -8.08 -1.80
CA GLU A 380 -11.50 -7.58 -0.48
C GLU A 380 -12.50 -8.44 0.28
N ALA A 381 -11.96 -9.25 1.16
CA ALA A 381 -12.70 -10.22 1.98
C ALA A 381 -12.12 -10.04 3.38
N TRP A 382 -12.83 -9.28 4.20
CA TRP A 382 -12.31 -8.89 5.48
C TRP A 382 -12.52 -10.01 6.51
N VAL A 383 -11.57 -10.93 6.53
CA VAL A 383 -11.66 -12.15 7.30
C VAL A 383 -10.31 -12.32 7.98
N GLU A 384 -10.31 -12.22 9.32
CA GLU A 384 -9.05 -12.21 10.05
C GLU A 384 -8.53 -13.56 10.45
N ASP A 385 -9.34 -14.61 10.22
CA ASP A 385 -8.90 -15.97 10.43
C ASP A 385 -8.44 -16.68 9.14
N VAL A 386 -7.28 -17.30 9.12
CA VAL A 386 -6.69 -17.76 7.87
C VAL A 386 -7.48 -18.90 7.25
N ASP A 387 -7.92 -19.81 8.11
CA ASP A 387 -8.70 -20.97 7.71
C ASP A 387 -10.01 -20.57 7.06
N ASP A 388 -10.65 -19.56 7.63
CA ASP A 388 -11.90 -19.10 7.13
C ASP A 388 -11.61 -18.49 5.73
N LEU A 389 -10.53 -17.71 5.59
CA LEU A 389 -10.18 -17.10 4.34
C LEU A 389 -9.78 -18.08 3.25
N LYS A 390 -8.90 -19.03 3.56
CA LYS A 390 -8.68 -20.17 2.66
C LYS A 390 -9.98 -20.86 2.23
N GLY A 391 -10.84 -21.18 3.20
CA GLY A 391 -12.15 -21.78 2.88
C GLY A 391 -12.97 -20.87 1.93
N PHE A 392 -12.71 -19.57 1.92
CA PHE A 392 -13.43 -18.69 0.97
C PHE A 392 -12.83 -18.80 -0.47
N LEU A 393 -11.52 -18.80 -0.54
CA LEU A 393 -10.81 -19.17 -1.75
C LEU A 393 -11.20 -20.54 -2.36
N ASP A 394 -11.28 -21.56 -1.53
CA ASP A 394 -11.80 -22.87 -1.96
C ASP A 394 -13.25 -22.84 -2.52
N THR A 395 -14.10 -22.00 -1.93
CA THR A 395 -15.51 -21.97 -2.30
C THR A 395 -15.59 -21.33 -3.65
N VAL A 396 -14.93 -20.21 -3.87
CA VAL A 396 -14.96 -19.49 -5.15
C VAL A 396 -14.29 -20.37 -6.22
N GLY A 397 -13.16 -20.97 -5.87
CA GLY A 397 -12.57 -22.04 -6.67
C GLY A 397 -12.11 -21.53 -8.05
N ASN A 398 -11.61 -20.27 -8.16
CA ASN A 398 -10.93 -19.71 -9.37
C ASN A 398 -9.47 -19.42 -9.03
N PRO A 399 -8.50 -20.19 -9.60
CA PRO A 399 -7.13 -20.04 -9.20
C PRO A 399 -6.47 -18.67 -9.35
N ASP A 400 -6.98 -17.83 -10.23
CA ASP A 400 -6.49 -16.45 -10.31
C ASP A 400 -6.85 -15.56 -9.13
N LEU A 401 -7.66 -16.06 -8.20
CA LEU A 401 -8.23 -15.09 -7.19
C LEU A 401 -7.30 -14.97 -5.99
N ARG A 402 -6.68 -13.82 -5.89
CA ARG A 402 -5.95 -13.39 -4.74
C ARG A 402 -6.87 -12.64 -3.80
N VAL A 403 -6.38 -12.57 -2.55
CA VAL A 403 -7.09 -11.76 -1.51
C VAL A 403 -6.07 -11.01 -0.63
N PHE A 404 -6.51 -9.87 -0.13
CA PHE A 404 -5.83 -9.10 0.91
C PHE A 404 -5.68 -9.91 2.22
N ASP A 405 -4.49 -9.81 2.83
CA ASP A 405 -4.09 -10.69 3.93
C ASP A 405 -4.45 -9.97 5.22
N PHE A 406 -5.75 -9.73 5.42
CA PHE A 406 -6.27 -9.21 6.70
C PHE A 406 -5.81 -10.13 7.92
N PRO A 407 -5.68 -11.47 7.72
CA PRO A 407 -5.08 -12.33 8.80
C PRO A 407 -3.72 -11.83 9.29
N LEU A 408 -2.83 -11.53 8.37
CA LEU A 408 -1.51 -10.99 8.70
C LEU A 408 -1.61 -9.64 9.40
N ARG A 409 -2.52 -8.79 8.93
CA ARG A 409 -2.71 -7.48 9.57
C ARG A 409 -3.17 -7.61 11.01
N SER A 410 -4.00 -8.61 11.30
CA SER A 410 -4.38 -8.87 12.70
C SER A 410 -3.12 -9.02 13.58
N PHE A 411 -2.03 -9.63 13.06
CA PHE A 411 -0.80 -9.68 13.77
C PHE A 411 -0.19 -8.30 14.01
N PHE A 412 -0.25 -7.42 13.01
CA PHE A 412 0.27 -6.09 13.19
C PHE A 412 -0.60 -5.29 14.18
N VAL A 413 -1.88 -5.60 14.27
CA VAL A 413 -2.71 -5.01 15.34
C VAL A 413 -2.21 -5.53 16.73
N ASP A 414 -1.83 -6.80 16.77
CA ASP A 414 -1.36 -7.43 18.03
C ASP A 414 -0.06 -6.72 18.50
N MET A 415 0.85 -6.48 17.59
CA MET A 415 2.02 -5.69 17.85
C MET A 415 1.76 -4.26 18.35
N LEU A 416 0.56 -3.71 18.26
CA LEU A 416 0.34 -2.35 18.79
C LEU A 416 0.72 -2.18 20.27
N ASN A 417 0.36 -3.15 21.10
CA ASN A 417 0.85 -3.18 22.48
C ASN A 417 1.83 -4.34 22.82
N GLY A 418 2.62 -4.82 21.88
CA GLY A 418 3.50 -5.97 22.09
C GLY A 418 2.81 -7.30 21.71
N ALA A 419 3.53 -8.14 20.96
CA ALA A 419 3.11 -9.42 20.41
C ALA A 419 4.24 -10.41 20.67
N TYR A 420 3.99 -11.70 20.43
CA TYR A 420 5.03 -12.72 20.48
C TYR A 420 5.65 -12.83 19.09
N MET A 421 6.78 -12.16 18.90
CA MET A 421 7.26 -11.90 17.56
C MET A 421 7.68 -13.14 16.74
N ALA A 422 7.99 -14.25 17.41
CA ALA A 422 8.36 -15.46 16.72
C ALA A 422 7.20 -16.00 15.93
N ASP A 423 5.98 -15.59 16.30
CA ASP A 423 4.79 -16.10 15.66
C ASP A 423 4.61 -15.54 14.25
N LEU A 424 5.44 -14.61 13.83
CA LEU A 424 5.40 -14.10 12.46
C LEU A 424 5.87 -15.11 11.43
N ARG A 425 6.52 -16.14 11.91
CA ARG A 425 6.92 -17.27 11.09
C ARG A 425 5.68 -17.93 10.43
N ASN A 426 4.56 -17.93 11.13
CA ASN A 426 3.38 -18.64 10.64
C ASN A 426 2.13 -17.72 10.50
N ALA A 427 2.30 -16.40 10.57
CA ALA A 427 1.13 -15.50 10.49
C ALA A 427 0.66 -15.23 9.06
N GLY A 428 -0.66 -15.17 8.91
CA GLY A 428 -1.31 -14.72 7.69
C GLY A 428 -1.49 -15.73 6.58
N LEU A 429 -2.31 -15.37 5.61
CA LEU A 429 -2.40 -16.15 4.38
C LEU A 429 -1.04 -16.34 3.75
N VAL A 430 -0.18 -15.34 3.86
CA VAL A 430 1.10 -15.35 3.17
C VAL A 430 2.09 -16.46 3.60
N ASN A 431 1.80 -17.12 4.73
CA ASN A 431 2.59 -18.29 5.18
C ASN A 431 1.78 -19.59 5.20
N SER A 432 0.55 -19.61 4.68
CA SER A 432 -0.26 -20.84 4.65
C SER A 432 0.12 -21.69 3.46
N PRO A 433 0.66 -22.88 3.71
CA PRO A 433 1.12 -23.69 2.58
C PRO A 433 0.02 -23.96 1.57
N GLY A 434 0.31 -23.67 0.30
CA GLY A 434 -0.66 -23.77 -0.80
C GLY A 434 -1.45 -22.49 -1.03
N TYR A 435 -1.34 -21.51 -0.13
CA TYR A 435 -2.09 -20.30 -0.34
C TYR A 435 -1.18 -19.04 -0.34
N GLU A 436 0.15 -19.24 -0.17
CA GLU A 436 1.05 -18.12 0.13
C GLU A 436 1.11 -17.09 -0.98
N ASN A 437 1.20 -17.56 -2.23
CA ASN A 437 1.17 -16.63 -3.38
C ASN A 437 -0.17 -15.97 -3.72
N ARG A 438 -1.18 -16.26 -2.94
CA ARG A 438 -2.49 -15.66 -3.23
C ARG A 438 -2.80 -14.56 -2.23
N ALA A 439 -1.80 -14.26 -1.42
CA ALA A 439 -1.83 -13.22 -0.42
C ALA A 439 -1.34 -11.93 -1.08
N VAL A 440 -2.15 -10.88 -0.99
CA VAL A 440 -1.71 -9.56 -1.21
C VAL A 440 -1.66 -8.90 0.19
N THR A 441 -0.44 -8.72 0.65
CA THR A 441 -0.13 -8.25 1.99
C THR A 441 -0.15 -6.75 2.09
N PHE A 442 -0.53 -6.25 3.24
CA PHE A 442 -0.65 -4.80 3.41
C PHE A 442 -0.58 -4.48 4.90
N VAL A 443 -0.47 -3.20 5.21
CA VAL A 443 -0.40 -2.71 6.57
C VAL A 443 -1.61 -1.88 6.89
N ASP A 444 -1.94 -0.93 6.05
CA ASP A 444 -3.20 -0.18 6.24
C ASP A 444 -3.82 0.13 4.90
N ASN A 445 -5.07 0.55 4.96
CA ASN A 445 -5.76 0.96 3.81
C ASN A 445 -6.81 1.94 4.20
N HIS A 446 -7.56 2.35 3.19
CA HIS A 446 -8.55 3.38 3.31
C HIS A 446 -9.63 3.05 4.29
N ASP A 447 -9.81 1.75 4.65
CA ASP A 447 -10.86 1.39 5.59
C ASP A 447 -10.32 1.29 6.97
N THR A 448 -9.15 0.69 7.09
CA THR A 448 -8.49 0.56 8.38
C THR A 448 -7.75 1.76 8.90
N ASP A 449 -7.36 2.71 8.04
CA ASP A 449 -6.72 3.97 8.44
C ASP A 449 -7.51 5.20 7.97
N ARG A 450 -8.51 5.56 8.75
CA ARG A 450 -9.33 6.68 8.37
C ARG A 450 -9.72 7.47 9.58
N ASP A 451 -9.86 8.77 9.39
CA ASP A 451 -9.94 9.69 10.53
C ASP A 451 -11.18 9.45 11.33
N GLU A 452 -12.28 9.19 10.65
CA GLU A 452 -13.55 8.99 11.32
C GLU A 452 -14.30 7.82 10.69
N GLY A 453 -14.96 7.04 11.55
CA GLY A 453 -15.77 5.88 11.12
C GLY A 453 -15.05 4.59 10.71
N SER A 454 -13.89 4.32 11.32
CA SER A 454 -13.25 3.04 11.07
C SER A 454 -13.75 1.90 11.98
N TYR A 455 -13.70 0.72 11.39
CA TYR A 455 -14.12 -0.51 12.03
C TYR A 455 -12.92 -1.07 12.81
N THR A 456 -11.73 -0.53 12.54
CA THR A 456 -10.56 -0.99 13.24
C THR A 456 -9.73 0.22 13.78
N VAL A 457 -8.52 -0.10 14.18
CA VAL A 457 -7.61 0.85 14.74
C VAL A 457 -6.53 0.77 13.65
N SER A 458 -5.96 1.89 13.27
CA SER A 458 -4.89 1.91 12.34
C SER A 458 -3.64 1.33 13.00
N ILE A 459 -2.67 0.94 12.19
CA ILE A 459 -1.35 0.52 12.71
C ILE A 459 -0.57 1.80 13.05
N TYR A 460 -0.92 2.42 14.18
CA TYR A 460 -0.36 3.72 14.59
C TYR A 460 0.99 3.62 15.29
N SER A 461 1.52 2.42 15.44
CA SER A 461 2.80 2.20 16.05
C SER A 461 3.43 0.96 15.45
N ARG A 462 4.74 0.98 15.24
CA ARG A 462 5.48 -0.12 14.56
C ARG A 462 5.13 -0.39 13.07
N LYS A 463 4.64 0.64 12.41
CA LYS A 463 4.29 0.54 11.01
C LYS A 463 5.52 0.17 10.13
N TYR A 464 6.69 0.79 10.37
CA TYR A 464 7.88 0.46 9.60
C TYR A 464 8.27 -1.00 9.70
N GLN A 465 8.25 -1.55 10.91
CA GLN A 465 8.46 -2.97 11.14
C GLN A 465 7.54 -3.83 10.28
N ALA A 466 6.27 -3.46 10.26
CA ALA A 466 5.23 -4.18 9.53
C ALA A 466 5.52 -4.08 7.98
N TYR A 467 5.92 -2.91 7.51
CA TYR A 467 6.29 -2.80 6.08
C TYR A 467 7.54 -3.59 5.75
N ALA A 468 8.48 -3.69 6.66
CA ALA A 468 9.75 -4.36 6.36
C ALA A 468 9.48 -5.84 6.15
N TYR A 469 8.63 -6.38 7.02
CA TYR A 469 8.21 -7.76 6.94
C TYR A 469 7.59 -8.03 5.59
N ILE A 470 6.62 -7.25 5.19
CA ILE A 470 5.96 -7.58 3.95
C ILE A 470 6.81 -7.33 2.71
N LEU A 471 7.68 -6.33 2.71
CA LEU A 471 8.37 -5.97 1.51
C LEU A 471 9.64 -6.87 1.34
N THR A 472 10.06 -7.53 2.38
CA THR A 472 11.22 -8.43 2.23
C THR A 472 10.81 -9.87 1.93
N ARG A 473 9.50 -10.14 1.92
CA ARG A 473 9.09 -11.55 1.93
C ARG A 473 9.13 -12.20 0.57
N ALA A 474 9.51 -13.49 0.51
CA ALA A 474 9.53 -14.20 -0.76
C ALA A 474 8.16 -14.46 -1.37
N GLU A 475 7.11 -14.47 -0.55
CA GLU A 475 5.77 -14.74 -1.00
C GLU A 475 4.88 -13.54 -0.79
N GLY A 476 3.74 -13.60 -1.49
CA GLY A 476 2.79 -12.55 -1.56
C GLY A 476 3.18 -11.41 -2.43
N VAL A 477 2.26 -10.44 -2.56
CA VAL A 477 2.55 -9.24 -3.25
C VAL A 477 2.18 -8.10 -2.27
N PRO A 478 3.17 -7.23 -1.87
CA PRO A 478 2.93 -6.20 -0.88
C PRO A 478 2.33 -4.95 -1.49
N THR A 479 1.54 -4.23 -0.70
CA THR A 479 0.90 -2.95 -1.10
C THR A 479 1.37 -1.86 -0.11
N VAL A 480 1.93 -0.77 -0.63
CA VAL A 480 2.16 0.40 0.16
C VAL A 480 0.90 1.33 0.11
N TYR A 481 0.51 1.90 1.24
CA TYR A 481 -0.66 2.85 1.34
C TYR A 481 -0.26 4.31 1.06
N TRP A 482 -0.88 4.93 0.05
CA TRP A 482 -0.64 6.36 -0.28
C TRP A 482 -0.59 7.26 0.95
N LYS A 483 -1.48 7.00 1.91
CA LYS A 483 -1.63 7.92 3.02
C LYS A 483 -0.39 7.80 3.89
N ASP A 484 0.19 6.60 3.97
CA ASP A 484 1.44 6.40 4.73
C ASP A 484 2.60 7.11 4.08
N TYR A 485 2.69 6.90 2.78
CA TYR A 485 3.80 7.33 1.97
C TYR A 485 3.85 8.81 1.76
N TYR A 486 2.68 9.43 1.49
CA TYR A 486 2.66 10.82 1.16
C TYR A 486 1.99 11.75 2.17
N ILE A 487 1.24 11.26 3.14
CA ILE A 487 0.44 12.18 3.97
C ILE A 487 0.99 12.14 5.37
N TRP A 488 1.19 10.95 5.91
CA TRP A 488 1.91 10.83 7.17
C TRP A 488 3.40 10.97 6.98
N GLU A 489 3.82 11.06 5.74
CA GLU A 489 5.20 11.33 5.38
C GLU A 489 6.19 10.26 5.84
N MET A 490 5.86 9.01 5.56
CA MET A 490 6.80 7.94 5.80
C MET A 490 7.74 7.62 4.64
N LYS A 491 7.65 8.42 3.56
CA LYS A 491 8.45 8.25 2.36
C LYS A 491 9.93 7.93 2.58
N GLU A 492 10.56 8.78 3.39
CA GLU A 492 12.00 8.69 3.67
C GLU A 492 12.32 7.27 4.16
N GLY A 493 11.66 6.77 5.19
CA GLY A 493 11.92 5.44 5.69
C GLY A 493 11.40 4.32 4.79
N LEU A 494 10.23 4.54 4.17
CA LEU A 494 9.70 3.54 3.24
C LEU A 494 10.58 3.33 2.01
N ASP A 495 11.13 4.41 1.44
CA ASP A 495 11.98 4.30 0.29
C ASP A 495 13.17 3.40 0.58
N LYS A 496 13.62 3.28 1.83
CA LYS A 496 14.79 2.45 2.10
C LYS A 496 14.39 0.99 2.06
N LEU A 497 13.16 0.72 2.49
CA LEU A 497 12.57 -0.61 2.44
C LEU A 497 12.25 -0.99 0.98
N LEU A 498 11.81 -0.01 0.22
CA LEU A 498 11.55 -0.21 -1.21
C LEU A 498 12.85 -0.48 -1.99
N THR A 499 13.95 0.15 -1.65
CA THR A 499 15.26 -0.21 -2.14
C THR A 499 15.60 -1.67 -1.80
N ALA A 500 15.39 -2.08 -0.58
CA ALA A 500 15.67 -3.45 -0.17
C ALA A 500 14.94 -4.46 -1.06
N ARG A 501 13.64 -4.25 -1.22
CA ARG A 501 12.78 -5.11 -2.03
C ARG A 501 13.24 -5.11 -3.48
N ARG A 502 13.56 -3.93 -4.01
CA ARG A 502 13.86 -3.81 -5.44
C ARG A 502 15.15 -4.49 -5.82
N TYR A 503 16.18 -4.47 -4.97
CA TYR A 503 17.47 -4.93 -5.41
C TYR A 503 18.02 -6.11 -4.65
N TYR A 504 17.45 -6.41 -3.48
CA TYR A 504 18.05 -7.38 -2.56
C TYR A 504 17.20 -8.58 -2.19
N ALA A 505 15.89 -8.39 -2.13
CA ALA A 505 14.96 -9.42 -1.56
C ALA A 505 14.69 -10.49 -2.59
N TYR A 506 15.66 -11.35 -2.81
CA TYR A 506 15.65 -12.21 -3.98
C TYR A 506 16.15 -13.56 -3.53
N GLY A 507 15.66 -14.63 -4.16
CA GLY A 507 16.14 -16.02 -3.86
C GLY A 507 15.27 -16.65 -2.79
N PRO A 508 15.57 -17.90 -2.39
CA PRO A 508 14.78 -18.58 -1.39
C PRO A 508 14.72 -17.76 -0.09
N GLY A 509 13.67 -17.93 0.70
CA GLY A 509 13.58 -17.28 2.04
C GLY A 509 13.76 -18.29 3.17
N TYR A 510 14.40 -17.90 4.27
CA TYR A 510 14.58 -18.81 5.39
C TYR A 510 14.16 -18.22 6.72
N GLU A 511 13.52 -19.07 7.51
CA GLU A 511 13.21 -18.79 8.88
C GLU A 511 14.44 -19.22 9.69
N VAL A 512 14.65 -18.51 10.79
CA VAL A 512 15.74 -18.79 11.69
C VAL A 512 15.18 -19.44 12.97
N ASP A 513 16.09 -20.00 13.76
CA ASP A 513 15.75 -20.77 14.93
C ASP A 513 15.81 -20.01 16.25
N ASN A 514 16.16 -18.73 16.24
CA ASN A 514 16.35 -17.99 17.48
C ASN A 514 15.40 -16.79 17.67
N ASN A 515 14.23 -16.84 17.03
CA ASN A 515 13.19 -15.81 17.24
C ASN A 515 12.71 -15.91 18.71
N ASP A 516 12.07 -14.87 19.22
CA ASP A 516 11.61 -14.87 20.58
C ASP A 516 10.42 -13.93 20.70
N ALA A 517 10.07 -13.57 21.94
CA ALA A 517 8.91 -12.74 22.22
C ALA A 517 9.04 -11.37 21.55
N ASP A 518 10.29 -10.91 21.42
CA ASP A 518 10.52 -9.56 20.90
C ASP A 518 11.26 -9.43 19.58
N ILE A 519 11.93 -10.47 19.07
CA ILE A 519 12.67 -10.38 17.80
C ILE A 519 12.26 -11.41 16.78
N TYR A 520 12.04 -10.96 15.54
CA TYR A 520 11.82 -11.85 14.40
C TYR A 520 12.86 -11.50 13.34
N SER A 521 13.54 -12.52 12.85
CA SER A 521 14.49 -12.39 11.82
C SER A 521 14.13 -13.34 10.67
N TYR A 522 14.67 -13.05 9.48
CA TYR A 522 14.27 -13.71 8.26
C TYR A 522 15.40 -13.52 7.24
N VAL A 523 15.62 -14.54 6.40
CA VAL A 523 16.74 -14.50 5.47
C VAL A 523 16.29 -14.73 4.06
N ARG A 524 16.73 -13.85 3.17
CA ARG A 524 16.65 -14.02 1.70
C ARG A 524 18.10 -14.18 1.29
N SER A 525 18.43 -15.31 0.70
CA SER A 525 19.80 -15.72 0.42
C SER A 525 20.37 -15.09 -0.84
N GLY A 526 19.53 -14.44 -1.64
CA GLY A 526 20.00 -13.90 -2.92
C GLY A 526 19.96 -14.95 -3.99
N PHE A 527 20.10 -14.55 -5.26
CA PHE A 527 20.21 -15.52 -6.36
C PHE A 527 21.67 -15.95 -6.47
N PRO A 528 21.89 -17.23 -6.75
CA PRO A 528 23.27 -17.70 -6.90
C PRO A 528 23.95 -17.01 -8.08
N ASP A 529 23.25 -16.94 -9.21
CA ASP A 529 23.77 -16.30 -10.44
C ASP A 529 23.67 -14.72 -10.47
N VAL A 530 23.37 -14.11 -9.32
CA VAL A 530 23.45 -12.68 -9.18
C VAL A 530 24.37 -12.29 -8.02
N ALA A 531 25.28 -11.36 -8.27
CA ALA A 531 26.19 -10.86 -7.25
C ALA A 531 25.61 -9.74 -6.37
N GLY A 532 25.80 -9.92 -5.07
CA GLY A 532 25.55 -8.87 -4.09
C GLY A 532 24.10 -8.66 -3.70
N ASP A 533 23.20 -9.55 -4.11
CA ASP A 533 21.81 -9.50 -3.62
C ASP A 533 21.67 -10.33 -2.32
N GLY A 534 20.44 -10.48 -1.82
CA GLY A 534 20.21 -11.17 -0.51
C GLY A 534 20.15 -10.21 0.68
N LEU A 535 19.61 -10.67 1.79
CA LEU A 535 19.35 -9.79 2.91
C LEU A 535 18.98 -10.60 4.13
N VAL A 536 19.34 -10.05 5.29
CA VAL A 536 18.85 -10.51 6.62
C VAL A 536 18.00 -9.40 7.25
N LEU A 537 16.71 -9.72 7.48
CA LEU A 537 15.77 -8.81 8.13
C LEU A 537 15.78 -9.15 9.60
N MET A 538 15.71 -8.11 10.44
CA MET A 538 15.45 -8.24 11.87
C MET A 538 14.50 -7.12 12.26
N ILE A 539 13.38 -7.49 12.90
CA ILE A 539 12.41 -6.53 13.42
C ILE A 539 12.13 -6.82 14.88
N SER A 540 11.66 -5.83 15.61
CA SER A 540 11.47 -6.00 17.01
C SER A 540 10.35 -5.15 17.51
N ASP A 541 9.62 -5.68 18.47
CA ASP A 541 8.67 -4.87 19.22
C ASP A 541 9.22 -4.53 20.59
N GLY A 542 10.50 -4.75 20.78
CA GLY A 542 11.13 -4.33 22.04
C GLY A 542 11.17 -2.82 22.20
N THR A 543 11.33 -2.40 23.44
CA THR A 543 11.30 -1.02 23.88
C THR A 543 12.48 -0.66 24.80
N SER A 544 13.40 -1.59 25.07
CA SER A 544 14.42 -1.37 26.08
C SER A 544 15.36 -0.23 25.67
N GLY A 545 15.41 0.04 24.38
CA GLY A 545 16.12 1.22 23.88
C GLY A 545 17.55 0.93 23.48
N ASN A 546 17.83 -0.35 23.17
CA ASN A 546 19.20 -0.81 22.91
C ASN A 546 19.39 -1.98 21.99
N VAL A 547 20.66 -2.25 21.73
CA VAL A 547 21.07 -3.00 20.56
C VAL A 547 21.17 -4.47 20.84
N ALA A 548 20.39 -5.27 20.14
CA ALA A 548 20.34 -6.73 20.37
C ALA A 548 20.88 -7.42 19.14
N GLY A 549 21.52 -8.56 19.38
CA GLY A 549 22.20 -9.34 18.37
C GLY A 549 21.52 -10.70 18.24
N LYS A 550 21.57 -11.27 17.04
CA LYS A 550 21.19 -12.66 16.86
C LYS A 550 22.16 -13.26 15.88
N TRP A 551 22.48 -14.52 16.13
CA TRP A 551 23.42 -15.25 15.34
C TRP A 551 22.59 -15.93 14.27
N ILE A 552 22.77 -15.50 13.03
CA ILE A 552 21.94 -15.94 11.90
C ILE A 552 22.78 -16.42 10.75
N ASN A 553 22.34 -17.48 10.09
CA ASN A 553 22.99 -17.99 8.88
C ASN A 553 22.51 -17.28 7.61
N SER A 554 23.27 -16.29 7.14
CA SER A 554 22.90 -15.56 5.96
C SER A 554 22.91 -16.38 4.68
N ARG A 555 23.56 -17.54 4.66
CA ARG A 555 23.70 -18.31 3.42
C ARG A 555 24.69 -17.63 2.45
N GLN A 556 25.51 -16.71 2.94
CA GLN A 556 26.53 -16.09 2.11
C GLN A 556 27.82 -16.08 2.92
N PRO A 557 28.62 -17.13 2.77
CA PRO A 557 29.95 -17.20 3.42
C PRO A 557 30.94 -16.04 3.09
N ASP A 558 31.64 -15.58 4.15
CA ASP A 558 32.71 -14.55 4.07
C ASP A 558 32.28 -13.22 3.42
N THR A 559 31.15 -12.69 3.87
CA THR A 559 30.54 -11.56 3.23
C THR A 559 30.29 -10.46 4.24
N GLU A 560 30.65 -9.22 3.86
CA GLU A 560 30.46 -8.02 4.66
C GLU A 560 29.12 -7.45 4.30
N PHE A 561 28.32 -7.17 5.34
CA PHE A 561 26.96 -6.67 5.28
C PHE A 561 26.86 -5.36 6.03
N TYR A 562 25.87 -4.54 5.69
CA TYR A 562 25.61 -3.28 6.40
C TYR A 562 24.08 -3.02 6.48
N ASP A 563 23.65 -2.21 7.42
CA ASP A 563 22.26 -2.01 7.63
C ASP A 563 21.80 -0.86 6.76
N LEU A 564 21.04 -1.15 5.70
CA LEU A 564 20.65 -0.09 4.79
C LEU A 564 19.58 0.89 5.35
N THR A 565 19.11 0.66 6.59
CA THR A 565 18.13 1.55 7.23
C THR A 565 18.79 2.75 7.91
N GLY A 566 20.11 2.60 8.14
CA GLY A 566 20.93 3.60 8.81
C GLY A 566 20.99 3.45 10.29
N HIS A 567 20.36 2.42 10.81
CA HIS A 567 20.11 2.36 12.25
C HIS A 567 21.33 1.89 13.01
N ILE A 568 21.84 0.71 12.64
CA ILE A 568 23.03 0.16 13.24
C ILE A 568 24.21 0.67 12.47
N LYS A 569 25.10 1.40 13.14
CA LYS A 569 26.25 1.99 12.48
C LYS A 569 27.47 1.15 12.60
N GLU A 570 27.36 -0.14 12.27
CA GLU A 570 28.49 -1.05 12.12
C GLU A 570 28.23 -2.07 10.99
N HIS A 571 29.28 -2.77 10.59
CA HIS A 571 29.13 -3.82 9.61
C HIS A 571 29.14 -5.19 10.28
N VAL A 572 28.73 -6.21 9.54
CA VAL A 572 28.72 -7.57 10.03
C VAL A 572 29.31 -8.42 8.92
N THR A 573 30.40 -9.11 9.24
CA THR A 573 31.04 -10.05 8.33
C THR A 573 30.84 -11.52 8.76
N THR A 574 30.26 -12.31 7.85
CA THR A 574 29.91 -13.70 8.12
C THR A 574 31.14 -14.62 8.04
N ASP A 575 31.13 -15.70 8.82
CA ASP A 575 32.19 -16.72 8.75
C ASP A 575 31.97 -17.58 7.49
N SER A 576 32.76 -18.65 7.38
CA SER A 576 32.80 -19.51 6.18
C SER A 576 31.61 -20.46 6.08
N GLU A 577 30.82 -20.54 7.16
CA GLU A 577 29.50 -21.19 7.14
C GLU A 577 28.35 -20.21 6.78
N GLY A 578 28.68 -18.92 6.70
CA GLY A 578 27.69 -17.87 6.47
C GLY A 578 27.00 -17.29 7.69
N TYR A 579 27.46 -17.60 8.90
CA TYR A 579 26.80 -17.07 10.09
C TYR A 579 27.33 -15.72 10.51
N GLY A 580 26.48 -14.90 11.08
CA GLY A 580 26.96 -13.62 11.60
C GLY A 580 26.07 -13.06 12.67
N ASN A 581 26.63 -12.22 13.53
CA ASN A 581 25.85 -11.58 14.54
C ASN A 581 25.24 -10.29 13.99
N PHE A 582 24.00 -10.40 13.53
CA PHE A 582 23.25 -9.25 12.97
C PHE A 582 22.49 -8.53 14.07
N LYS A 583 22.31 -7.21 13.95
CA LYS A 583 21.86 -6.43 15.08
C LYS A 583 20.63 -5.61 14.72
N VAL A 584 19.86 -5.26 15.74
CA VAL A 584 18.72 -4.32 15.68
C VAL A 584 18.64 -3.55 17.01
N ILE A 585 18.10 -2.34 16.93
CA ILE A 585 17.84 -1.49 18.09
C ILE A 585 16.40 -1.77 18.60
N LYS A 586 16.28 -2.19 19.85
CA LYS A 586 15.03 -2.56 20.40
C LYS A 586 14.30 -1.31 20.78
N SER A 587 13.76 -0.62 19.80
CA SER A 587 12.86 0.52 20.05
C SER A 587 11.69 0.59 19.05
N GLU A 588 10.60 1.27 19.41
CA GLU A 588 9.46 1.45 18.49
C GLU A 588 9.88 2.20 17.22
N ASP A 589 10.60 3.29 17.46
CA ASP A 589 11.08 4.28 16.49
C ASP A 589 12.09 3.71 15.48
N LYS A 590 12.93 2.78 15.88
CA LYS A 590 14.02 2.34 15.05
C LYS A 590 14.21 0.85 15.02
N GLY A 591 13.20 0.10 15.47
CA GLY A 591 13.35 -1.35 15.64
C GLY A 591 13.15 -2.20 14.40
N TRP A 592 13.78 -1.80 13.30
CA TRP A 592 13.86 -2.59 12.10
C TRP A 592 15.23 -2.39 11.49
N SER A 593 15.86 -3.47 11.06
CA SER A 593 17.13 -3.40 10.33
C SER A 593 17.13 -4.32 9.12
N ILE A 594 17.79 -3.91 8.03
CA ILE A 594 17.84 -4.76 6.85
C ILE A 594 19.30 -4.79 6.42
N TRP A 595 19.96 -5.94 6.63
CA TRP A 595 21.39 -6.09 6.39
C TRP A 595 21.57 -6.61 5.02
N VAL A 596 22.26 -5.82 4.16
CA VAL A 596 22.53 -6.18 2.76
C VAL A 596 24.05 -6.20 2.56
N PRO A 597 24.51 -6.89 1.51
CA PRO A 597 25.95 -6.84 1.26
C PRO A 597 26.45 -5.42 0.88
N VAL A 598 27.69 -5.10 1.28
CA VAL A 598 28.29 -3.82 0.98
C VAL A 598 28.81 -3.75 -0.45
N GLU A 599 29.29 -4.88 -0.99
CA GLU A 599 29.89 -4.90 -2.33
C GLU A 599 28.91 -5.35 -3.42
CA CA B . -30.72 -13.50 -6.78
CA CA C . -24.71 -8.77 -2.78
CA CA D . 7.11 -8.82 21.98
NA NA E . -27.96 -10.54 -5.13
CA CA F . 23.46 -13.60 -4.83
#